data_3E7L
#
_entry.id   3E7L
#
_cell.length_a   41.239
_cell.length_b   55.866
_cell.length_c   62.338
_cell.angle_alpha   90.000
_cell.angle_beta   93.390
_cell.angle_gamma   90.000
#
_symmetry.space_group_name_H-M   'P 1 21 1'
#
loop_
_entity.id
_entity.type
_entity.pdbx_description
1 polymer 'Transcriptional regulator (NtrC family)'
2 non-polymer 'ZINC ION'
3 water water
#
_entity_poly.entity_id   1
_entity_poly.type   'polypeptide(L)'
_entity_poly.pdbx_seq_one_letter_code
;RDLSYLLKIKELKEAKKEFEKIFIEEKLREYDYDLKRTAEEIGIDLSNLYRKIKSLNIRVKSS
;
_entity_poly.pdbx_strand_id   A,B,C,D
#
# COMPACT_ATOMS: atom_id res chain seq x y z
N SER A 4 -16.56 -7.30 20.51
CA SER A 4 -16.31 -7.37 21.95
C SER A 4 -14.93 -7.97 22.22
N TYR A 5 -14.48 -8.82 21.31
CA TYR A 5 -13.17 -9.45 21.39
C TYR A 5 -12.09 -8.42 21.73
N LEU A 6 -12.27 -7.20 21.25
CA LEU A 6 -11.26 -6.16 21.34
C LEU A 6 -11.23 -5.45 22.69
N LEU A 7 -12.40 -5.00 23.16
CA LEU A 7 -12.47 -4.27 24.43
C LEU A 7 -11.99 -5.11 25.61
N LYS A 8 -12.11 -6.42 25.49
CA LYS A 8 -11.67 -7.33 26.54
C LYS A 8 -10.14 -7.42 26.59
N ILE A 9 -9.49 -6.99 25.52
CA ILE A 9 -8.02 -7.01 25.46
C ILE A 9 -7.41 -6.10 26.52
N LYS A 10 -6.31 -6.56 27.10
CA LYS A 10 -5.65 -5.83 28.19
C LYS A 10 -4.91 -4.59 27.69
N GLU A 11 -3.78 -4.81 27.02
CA GLU A 11 -2.92 -3.70 26.61
C GLU A 11 -3.44 -2.91 25.42
N LEU A 12 -3.12 -1.62 25.39
CA LEU A 12 -3.55 -0.72 24.33
C LEU A 12 -2.87 -1.03 22.99
N LYS A 13 -1.56 -1.26 23.02
CA LYS A 13 -0.82 -1.51 21.80
C LYS A 13 -1.24 -2.79 21.10
N GLU A 14 -1.73 -3.75 21.88
CA GLU A 14 -2.17 -5.04 21.34
C GLU A 14 -3.57 -4.96 20.76
N ALA A 15 -4.46 -4.22 21.43
CA ALA A 15 -5.83 -4.07 20.97
C ALA A 15 -5.90 -3.19 19.72
N LYS A 16 -4.93 -2.29 19.56
CA LYS A 16 -4.87 -1.44 18.38
C LYS A 16 -4.44 -2.22 17.15
N LYS A 17 -3.52 -3.16 17.34
CA LYS A 17 -3.09 -4.03 16.25
C LYS A 17 -4.21 -4.94 15.78
N GLU A 18 -4.96 -5.51 16.72
CA GLU A 18 -6.07 -6.39 16.40
C GLU A 18 -7.20 -5.67 15.67
N PHE A 19 -7.44 -4.41 16.03
CA PHE A 19 -8.44 -3.63 15.33
C PHE A 19 -7.97 -3.28 13.93
N GLU A 20 -6.69 -2.94 13.79
CA GLU A 20 -6.12 -2.59 12.51
C GLU A 20 -6.20 -3.79 11.56
N LYS A 21 -5.93 -4.97 12.11
CA LYS A 21 -6.01 -6.23 11.37
C LYS A 21 -7.42 -6.48 10.86
N ILE A 22 -8.40 -6.36 11.75
CA ILE A 22 -9.80 -6.56 11.40
C ILE A 22 -10.29 -5.51 10.40
N PHE A 23 -9.91 -4.26 10.63
CA PHE A 23 -10.31 -3.16 9.76
C PHE A 23 -9.81 -3.38 8.33
N ILE A 24 -8.53 -3.73 8.20
CA ILE A 24 -7.94 -3.94 6.88
C ILE A 24 -8.48 -5.19 6.17
N GLU A 25 -8.68 -6.27 6.93
CA GLU A 25 -9.26 -7.49 6.37
C GLU A 25 -10.60 -7.21 5.70
N GLU A 26 -11.46 -6.48 6.39
CA GLU A 26 -12.79 -6.16 5.89
C GLU A 26 -12.76 -5.19 4.71
N LYS A 27 -11.80 -4.26 4.73
CA LYS A 27 -11.64 -3.34 3.61
C LYS A 27 -11.14 -4.09 2.39
N LEU A 28 -10.23 -5.03 2.60
CA LEU A 28 -9.76 -5.90 1.52
C LEU A 28 -10.90 -6.70 0.93
N ARG A 29 -11.73 -7.27 1.80
CA ARG A 29 -12.88 -8.06 1.36
C ARG A 29 -13.83 -7.27 0.47
N GLU A 30 -14.21 -6.08 0.93
CA GLU A 30 -15.21 -5.29 0.22
C GLU A 30 -14.68 -4.61 -1.04
N TYR A 31 -13.36 -4.65 -1.23
CA TYR A 31 -12.77 -4.15 -2.47
C TYR A 31 -12.17 -5.32 -3.25
N ASP A 32 -12.64 -6.52 -2.92
CA ASP A 32 -12.24 -7.75 -3.62
C ASP A 32 -10.74 -7.92 -3.77
N TYR A 33 -10.00 -7.60 -2.71
CA TYR A 33 -8.56 -7.82 -2.65
C TYR A 33 -7.76 -7.08 -3.73
N ASP A 34 -8.33 -5.97 -4.21
CA ASP A 34 -7.61 -5.06 -5.07
C ASP A 34 -6.73 -4.20 -4.18
N LEU A 35 -5.43 -4.51 -4.13
CA LEU A 35 -4.53 -3.85 -3.18
C LEU A 35 -4.42 -2.35 -3.39
N LYS A 36 -4.17 -1.90 -4.62
CA LYS A 36 -4.02 -0.48 -4.88
C LYS A 36 -5.27 0.31 -4.52
N ARG A 37 -6.43 -0.24 -4.86
CA ARG A 37 -7.69 0.41 -4.54
C ARG A 37 -7.94 0.48 -3.03
N THR A 38 -7.60 -0.60 -2.32
CA THR A 38 -7.77 -0.64 -0.86
C THR A 38 -6.92 0.43 -0.17
N ALA A 39 -5.66 0.55 -0.59
CA ALA A 39 -4.76 1.54 -0.02
C ALA A 39 -5.27 2.97 -0.21
N GLU A 40 -5.67 3.32 -1.42
CA GLU A 40 -6.19 4.66 -1.71
C GLU A 40 -7.47 4.95 -0.93
N GLU A 41 -8.37 3.98 -0.88
CA GLU A 41 -9.65 4.13 -0.18
C GLU A 41 -9.49 4.49 1.30
N ILE A 42 -8.51 3.87 1.97
CA ILE A 42 -8.36 4.03 3.41
C ILE A 42 -7.27 5.05 3.76
N GLY A 43 -6.69 5.68 2.74
CA GLY A 43 -5.83 6.83 2.95
C GLY A 43 -4.35 6.55 3.19
N ILE A 44 -3.87 5.38 2.79
CA ILE A 44 -2.44 5.07 2.95
C ILE A 44 -1.76 4.61 1.68
N ASP A 45 -0.42 4.67 1.68
CA ASP A 45 0.37 4.22 0.54
C ASP A 45 0.34 2.70 0.42
N LEU A 46 0.36 2.22 -0.81
CA LEU A 46 0.36 0.79 -1.06
C LEU A 46 1.54 0.12 -0.34
N SER A 47 2.73 0.70 -0.49
CA SER A 47 3.89 0.17 0.22
C SER A 47 3.62 0.03 1.73
N ASN A 48 2.97 1.04 2.31
CA ASN A 48 2.55 1.00 3.71
C ASN A 48 1.50 -0.09 3.99
N LEU A 49 0.44 -0.12 3.19
CA LEU A 49 -0.57 -1.15 3.31
C LEU A 49 0.07 -2.54 3.27
N TYR A 50 1.07 -2.71 2.39
CA TYR A 50 1.74 -4.00 2.25
C TYR A 50 2.63 -4.33 3.45
N ARG A 51 3.28 -3.33 4.02
CA ARG A 51 4.02 -3.53 5.26
C ARG A 51 3.08 -4.04 6.36
N LYS A 52 1.94 -3.39 6.51
CA LYS A 52 0.95 -3.81 7.50
C LYS A 52 0.40 -5.21 7.20
N ILE A 53 0.12 -5.49 5.93
CA ILE A 53 -0.39 -6.80 5.56
C ILE A 53 0.56 -7.91 6.02
N LYS A 54 1.86 -7.67 5.85
CA LYS A 54 2.88 -8.64 6.26
C LYS A 54 3.04 -8.69 7.77
N SER A 55 3.12 -7.52 8.40
CA SER A 55 3.29 -7.40 9.83
C SER A 55 2.11 -8.03 10.59
N LEU A 56 0.90 -7.73 10.13
CA LEU A 56 -0.32 -8.19 10.78
C LEU A 56 -0.71 -9.61 10.38
N ASN A 57 0.07 -10.22 9.49
CA ASN A 57 -0.18 -11.60 9.09
C ASN A 57 -1.52 -11.78 8.39
N ILE A 58 -1.85 -10.86 7.49
CA ILE A 58 -3.14 -10.88 6.78
C ILE A 58 -3.05 -11.63 5.46
N ARG A 59 -4.04 -12.46 5.18
CA ARG A 59 -4.09 -13.24 3.95
C ARG A 59 -4.76 -12.44 2.83
N VAL A 60 -4.18 -12.48 1.64
CA VAL A 60 -4.73 -11.76 0.50
C VAL A 60 -4.96 -12.69 -0.68
N LYS A 61 -6.21 -12.74 -1.17
CA LYS A 61 -6.58 -13.64 -2.25
C LYS A 61 -6.96 -12.90 -3.53
N SER A 62 -7.95 -13.45 -4.21
CA SER A 62 -8.55 -12.84 -5.42
C SER A 62 -7.60 -12.64 -6.59
N SER A 63 -7.94 -13.26 -7.72
CA SER A 63 -7.17 -13.11 -8.95
C SER A 63 -8.09 -12.63 -10.08
N SER B 4 -19.50 -1.75 15.90
CA SER B 4 -19.39 -2.31 14.56
C SER B 4 -19.39 -1.20 13.51
N TYR B 5 -19.85 -0.01 13.91
CA TYR B 5 -19.83 1.16 13.04
C TYR B 5 -18.39 1.51 12.68
N LEU B 6 -17.45 1.05 13.49
CA LEU B 6 -16.03 1.32 13.27
C LEU B 6 -15.59 0.83 11.90
N LEU B 7 -16.13 -0.30 11.48
CA LEU B 7 -15.77 -0.89 10.19
C LEU B 7 -16.33 -0.09 9.02
N LYS B 8 -17.26 0.81 9.31
CA LYS B 8 -17.87 1.64 8.26
C LYS B 8 -17.16 2.99 8.10
N ILE B 9 -16.12 3.21 8.87
CA ILE B 9 -15.30 4.42 8.73
C ILE B 9 -14.37 4.28 7.52
N LYS B 10 -14.17 5.38 6.81
CA LYS B 10 -13.39 5.35 5.57
C LYS B 10 -11.89 5.21 5.81
N GLU B 11 -11.30 6.22 6.45
CA GLU B 11 -9.85 6.29 6.62
C GLU B 11 -9.35 5.41 7.75
N LEU B 12 -8.21 4.76 7.53
CA LEU B 12 -7.61 3.91 8.54
C LEU B 12 -7.23 4.71 9.79
N LYS B 13 -6.74 5.93 9.59
CA LYS B 13 -6.22 6.72 10.69
C LYS B 13 -7.37 7.30 11.53
N GLU B 14 -8.49 7.57 10.86
CA GLU B 14 -9.69 8.01 11.54
C GLU B 14 -10.27 6.86 12.35
N ALA B 15 -10.34 5.68 11.74
CA ALA B 15 -10.90 4.50 12.39
C ALA B 15 -10.06 4.06 13.59
N LYS B 16 -8.77 4.33 13.55
CA LYS B 16 -7.86 3.94 14.63
C LYS B 16 -7.99 4.86 15.84
N LYS B 17 -8.30 6.13 15.59
CA LYS B 17 -8.55 7.08 16.67
C LYS B 17 -9.89 6.78 17.33
N GLU B 18 -10.95 6.71 16.53
CA GLU B 18 -12.28 6.37 17.05
C GLU B 18 -12.23 5.11 17.91
N PHE B 19 -11.49 4.11 17.46
CA PHE B 19 -11.35 2.88 18.25
C PHE B 19 -10.60 3.14 19.56
N GLU B 20 -9.49 3.87 19.47
CA GLU B 20 -8.65 4.14 20.62
C GLU B 20 -9.40 5.00 21.63
N LYS B 21 -10.30 5.85 21.12
CA LYS B 21 -11.15 6.68 21.97
C LYS B 21 -12.14 5.81 22.74
N ILE B 22 -12.79 4.89 22.03
CA ILE B 22 -13.73 3.96 22.64
C ILE B 22 -13.06 3.05 23.66
N PHE B 23 -11.90 2.51 23.28
CA PHE B 23 -11.16 1.59 24.14
C PHE B 23 -10.77 2.24 25.45
N ILE B 24 -10.22 3.45 25.36
CA ILE B 24 -9.74 4.16 26.55
C ILE B 24 -10.87 4.68 27.43
N GLU B 25 -11.97 5.14 26.82
CA GLU B 25 -13.12 5.63 27.57
C GLU B 25 -13.84 4.46 28.24
N GLU B 26 -13.91 3.34 27.54
CA GLU B 26 -14.58 2.15 28.08
C GLU B 26 -13.69 1.54 29.16
N LYS B 27 -12.41 1.91 29.14
CA LYS B 27 -11.44 1.41 30.10
C LYS B 27 -11.52 2.20 31.41
N LEU B 28 -11.68 3.51 31.30
CA LEU B 28 -11.77 4.37 32.46
C LEU B 28 -12.93 3.93 33.35
N ARG B 29 -14.08 3.68 32.73
CA ARG B 29 -15.28 3.26 33.44
C ARG B 29 -15.11 1.93 34.18
N GLU B 30 -14.29 1.03 33.65
CA GLU B 30 -14.07 -0.26 34.28
C GLU B 30 -12.79 -0.29 35.12
N TYR B 31 -12.26 0.90 35.42
CA TYR B 31 -11.08 1.03 36.27
C TYR B 31 -11.20 2.19 37.24
N ASP B 32 -12.43 2.62 37.50
CA ASP B 32 -12.69 3.70 38.46
C ASP B 32 -11.99 5.01 38.13
N TYR B 33 -12.18 5.49 36.90
CA TYR B 33 -11.65 6.77 36.42
C TYR B 33 -10.36 7.23 37.11
N ASP B 34 -9.41 6.33 37.26
CA ASP B 34 -8.10 6.66 37.81
C ASP B 34 -7.03 6.61 36.73
N LEU B 35 -6.33 7.72 36.53
CA LEU B 35 -5.34 7.80 35.46
C LEU B 35 -4.12 6.92 35.69
N LYS B 36 -3.52 7.04 36.87
CA LYS B 36 -2.37 6.20 37.22
C LYS B 36 -2.69 4.73 37.02
N ARG B 37 -3.81 4.30 37.60
CA ARG B 37 -4.24 2.90 37.46
C ARG B 37 -4.44 2.51 36.01
N THR B 38 -5.31 3.25 35.31
CA THR B 38 -5.63 2.96 33.91
C THR B 38 -4.37 2.89 33.05
N ALA B 39 -3.52 3.90 33.16
CA ALA B 39 -2.29 3.95 32.38
C ALA B 39 -1.44 2.71 32.59
N GLU B 40 -1.26 2.33 33.85
CA GLU B 40 -0.44 1.19 34.20
C GLU B 40 -1.04 -0.11 33.67
N GLU B 41 -2.37 -0.18 33.65
CA GLU B 41 -3.05 -1.43 33.31
C GLU B 41 -3.46 -1.57 31.84
N ILE B 42 -3.23 -0.52 31.05
CA ILE B 42 -3.38 -0.64 29.60
C ILE B 42 -2.01 -0.66 28.94
N GLY B 43 -0.97 -0.58 29.78
CA GLY B 43 0.40 -0.81 29.33
C GLY B 43 1.18 0.39 28.85
N ILE B 44 0.78 1.60 29.22
CA ILE B 44 1.50 2.79 28.80
C ILE B 44 1.82 3.73 29.97
N ASP B 45 2.48 4.84 29.66
CA ASP B 45 2.88 5.82 30.67
C ASP B 45 1.72 6.74 31.05
N LEU B 46 1.92 7.51 32.13
CA LEU B 46 0.94 8.50 32.54
C LEU B 46 0.95 9.69 31.58
N SER B 47 2.13 10.26 31.39
CA SER B 47 2.30 11.39 30.48
C SER B 47 1.79 11.07 29.08
N ASN B 48 1.87 9.79 28.70
CA ASN B 48 1.34 9.34 27.42
C ASN B 48 -0.19 9.28 27.41
N LEU B 49 -0.76 8.62 28.41
CA LEU B 49 -2.21 8.50 28.52
C LEU B 49 -2.85 9.88 28.63
N TYR B 50 -2.20 10.76 29.37
CA TYR B 50 -2.69 12.12 29.55
C TYR B 50 -2.68 12.89 28.23
N ARG B 51 -1.64 12.67 27.43
CA ARG B 51 -1.53 13.33 26.13
C ARG B 51 -2.48 12.73 25.10
N LYS B 52 -3.15 11.64 25.49
CA LYS B 52 -4.18 11.03 24.65
C LYS B 52 -5.58 11.48 25.08
N ILE B 53 -5.76 11.62 26.39
CA ILE B 53 -7.05 12.02 26.95
C ILE B 53 -7.53 13.36 26.40
N LYS B 54 -6.59 14.22 26.04
CA LYS B 54 -6.93 15.54 25.50
C LYS B 54 -7.06 15.52 23.99
N SER B 55 -6.21 14.73 23.34
CA SER B 55 -6.19 14.64 21.88
C SER B 55 -7.42 13.91 21.34
N LEU B 56 -8.14 13.22 22.21
CA LEU B 56 -9.30 12.44 21.80
C LEU B 56 -10.56 12.84 22.56
N ASN B 57 -10.42 13.00 23.88
CA ASN B 57 -11.53 13.40 24.73
C ASN B 57 -11.39 14.85 25.19
N ARG C 1 13.45 -1.63 1.06
CA ARG C 1 12.04 -1.52 0.69
C ARG C 1 11.60 -2.74 -0.11
N ASP C 2 10.57 -3.44 0.37
CA ASP C 2 10.06 -4.62 -0.31
C ASP C 2 9.14 -4.23 -1.47
N LEU C 3 9.62 -4.42 -2.70
CA LEU C 3 8.88 -4.02 -3.89
C LEU C 3 8.09 -5.18 -4.51
N SER C 4 8.00 -6.28 -3.78
CA SER C 4 7.32 -7.45 -4.30
C SER C 4 5.81 -7.22 -4.40
N TYR C 5 5.32 -6.19 -3.72
CA TYR C 5 3.90 -5.88 -3.75
C TYR C 5 3.45 -5.41 -5.14
N LEU C 6 4.39 -4.88 -5.92
CA LEU C 6 4.07 -4.42 -7.28
C LEU C 6 3.61 -5.56 -8.18
N LEU C 7 4.04 -6.78 -7.88
CA LEU C 7 3.63 -7.94 -8.68
C LEU C 7 2.28 -8.49 -8.21
N LYS C 8 1.85 -8.07 -7.03
CA LYS C 8 0.57 -8.50 -6.49
C LYS C 8 -0.59 -7.59 -6.94
N ILE C 9 -0.25 -6.48 -7.58
CA ILE C 9 -1.24 -5.59 -8.16
C ILE C 9 -1.90 -6.28 -9.36
N LYS C 10 -3.22 -6.18 -9.45
CA LYS C 10 -3.98 -6.92 -10.46
C LYS C 10 -3.84 -6.35 -11.88
N GLU C 11 -4.10 -5.06 -12.04
CA GLU C 11 -4.15 -4.44 -13.35
C GLU C 11 -2.85 -3.75 -13.75
N LEU C 12 -2.52 -3.84 -15.03
CA LEU C 12 -1.26 -3.34 -15.56
C LEU C 12 -1.14 -1.83 -15.45
N LYS C 13 -2.23 -1.12 -15.73
CA LYS C 13 -2.22 0.34 -15.65
C LYS C 13 -1.98 0.82 -14.22
N GLU C 14 -2.60 0.15 -13.27
CA GLU C 14 -2.40 0.46 -11.85
C GLU C 14 -0.98 0.16 -11.43
N ALA C 15 -0.49 -1.01 -11.83
CA ALA C 15 0.84 -1.44 -11.42
C ALA C 15 1.91 -0.50 -11.97
N LYS C 16 1.73 -0.05 -13.21
CA LYS C 16 2.67 0.88 -13.83
C LYS C 16 2.73 2.24 -13.14
N LYS C 17 1.57 2.79 -12.80
CA LYS C 17 1.55 4.05 -12.07
C LYS C 17 2.18 3.93 -10.68
N GLU C 18 1.93 2.82 -9.99
CA GLU C 18 2.58 2.57 -8.70
CA GLU C 18 2.58 2.60 -8.70
C GLU C 18 4.09 2.41 -8.86
N PHE C 19 4.52 1.77 -9.96
CA PHE C 19 5.96 1.62 -10.17
C PHE C 19 6.62 2.97 -10.43
N GLU C 20 5.99 3.75 -11.31
CA GLU C 20 6.49 5.08 -11.65
C GLU C 20 6.59 5.97 -10.43
N LYS C 21 5.67 5.79 -9.48
CA LYS C 21 5.70 6.58 -8.25
C LYS C 21 6.95 6.29 -7.40
N ILE C 22 7.25 5.02 -7.18
CA ILE C 22 8.43 4.71 -6.36
C ILE C 22 9.73 4.92 -7.12
N PHE C 23 9.69 4.81 -8.45
CA PHE C 23 10.86 5.11 -9.26
C PHE C 23 11.22 6.58 -9.09
N ILE C 24 10.24 7.45 -9.28
CA ILE C 24 10.46 8.88 -9.15
C ILE C 24 10.86 9.30 -7.73
N GLU C 25 10.23 8.73 -6.71
CA GLU C 25 10.60 9.02 -5.32
C GLU C 25 12.06 8.66 -5.08
N GLU C 26 12.46 7.48 -5.53
CA GLU C 26 13.84 7.03 -5.41
C GLU C 26 14.83 7.96 -6.13
N LYS C 27 14.49 8.37 -7.35
CA LYS C 27 15.34 9.28 -8.10
C LYS C 27 15.47 10.66 -7.44
N LEU C 28 14.38 11.12 -6.83
CA LEU C 28 14.40 12.39 -6.08
C LEU C 28 15.36 12.32 -4.91
N ARG C 29 15.27 11.25 -4.13
CA ARG C 29 16.17 11.07 -3.00
C ARG C 29 17.63 10.98 -3.48
N GLU C 30 17.85 10.24 -4.56
CA GLU C 30 19.19 10.05 -5.09
C GLU C 30 19.82 11.37 -5.57
N TYR C 31 19.01 12.25 -6.16
CA TYR C 31 19.54 13.52 -6.64
C TYR C 31 19.25 14.67 -5.67
N ASP C 32 19.08 14.33 -4.39
CA ASP C 32 18.92 15.31 -3.33
C ASP C 32 17.75 16.26 -3.56
N TYR C 33 16.66 15.74 -4.11
CA TYR C 33 15.46 16.54 -4.36
C TYR C 33 15.72 17.77 -5.21
N ASP C 34 16.74 17.72 -6.05
CA ASP C 34 16.92 18.75 -7.08
C ASP C 34 16.04 18.34 -8.25
N LEU C 35 14.90 19.02 -8.39
CA LEU C 35 13.92 18.63 -9.41
C LEU C 35 14.43 18.86 -10.83
N LYS C 36 15.10 19.99 -11.06
CA LYS C 36 15.64 20.28 -12.37
C LYS C 36 16.55 19.16 -12.85
N ARG C 37 17.49 18.73 -12.00
CA ARG C 37 18.41 17.68 -12.42
C ARG C 37 17.73 16.31 -12.46
N THR C 38 16.84 16.03 -11.52
CA THR C 38 16.12 14.76 -11.54
C THR C 38 15.41 14.56 -12.88
N ALA C 39 14.80 15.64 -13.39
CA ALA C 39 14.09 15.59 -14.66
C ALA C 39 15.03 15.23 -15.80
N GLU C 40 16.15 15.94 -15.88
CA GLU C 40 17.14 15.67 -16.92
C GLU C 40 17.72 14.25 -16.82
N GLU C 41 17.98 13.79 -15.60
CA GLU C 41 18.58 12.48 -15.42
C GLU C 41 17.67 11.35 -15.90
N ILE C 42 16.37 11.44 -15.62
CA ILE C 42 15.45 10.36 -15.96
C ILE C 42 14.86 10.54 -17.35
N GLY C 43 15.20 11.64 -18.00
CA GLY C 43 14.87 11.87 -19.39
C GLY C 43 13.46 12.34 -19.67
N ILE C 44 12.91 13.16 -18.80
CA ILE C 44 11.62 13.79 -19.07
C ILE C 44 11.71 15.28 -18.81
N ASP C 45 10.71 16.02 -19.27
CA ASP C 45 10.72 17.46 -19.14
C ASP C 45 10.41 17.86 -17.70
N LEU C 46 10.92 19.01 -17.27
CA LEU C 46 10.71 19.48 -15.91
C LEU C 46 9.22 19.70 -15.60
N SER C 47 8.50 20.33 -16.53
CA SER C 47 7.08 20.57 -16.34
C SER C 47 6.31 19.26 -16.23
N ASN C 48 6.76 18.25 -16.98
CA ASN C 48 6.18 16.92 -16.90
C ASN C 48 6.44 16.26 -15.56
N LEU C 49 7.68 16.36 -15.08
CA LEU C 49 8.05 15.81 -13.79
C LEU C 49 7.20 16.38 -12.66
N TYR C 50 7.05 17.70 -12.65
CA TYR C 50 6.29 18.35 -11.59
C TYR C 50 4.82 17.97 -11.64
N ARG C 51 4.32 17.71 -12.85
CA ARG C 51 2.94 17.29 -13.03
C ARG C 51 2.73 15.87 -12.49
N LYS C 52 3.73 15.02 -12.68
CA LYS C 52 3.66 13.65 -12.18
C LYS C 52 3.74 13.62 -10.64
N ILE C 53 4.58 14.48 -10.09
CA ILE C 53 4.74 14.59 -8.65
C ILE C 53 3.41 14.93 -7.96
N LYS C 54 2.71 15.93 -8.49
CA LYS C 54 1.39 16.28 -7.97
C LYS C 54 0.41 15.13 -8.18
N SER C 55 0.33 14.66 -9.42
CA SER C 55 -0.62 13.61 -9.79
C SER C 55 -0.46 12.33 -8.99
N LEU C 56 0.78 11.94 -8.69
CA LEU C 56 1.06 10.67 -8.02
C LEU C 56 1.15 10.82 -6.50
N ASN C 57 0.96 12.03 -6.01
CA ASN C 57 1.02 12.30 -4.58
C ASN C 57 2.40 12.02 -3.97
N ILE C 58 3.45 12.41 -4.68
CA ILE C 58 4.82 12.24 -4.18
C ILE C 58 5.19 13.41 -3.28
N ARG C 59 5.42 13.14 -2.00
CA ARG C 59 5.60 14.20 -1.01
C ARG C 59 6.90 15.00 -1.19
N VAL C 60 6.77 16.21 -1.72
CA VAL C 60 7.89 17.14 -1.85
C VAL C 60 7.46 18.58 -1.62
N ARG D 1 13.14 -10.44 -3.85
CA ARG D 1 12.17 -10.62 -4.93
C ARG D 1 12.87 -11.02 -6.24
N ASP D 2 13.81 -10.21 -6.72
CA ASP D 2 14.20 -8.93 -6.10
C ASP D 2 14.10 -7.86 -7.18
N LEU D 3 13.29 -6.84 -6.95
CA LEU D 3 12.93 -5.89 -8.01
C LEU D 3 13.66 -4.56 -7.88
N SER D 4 14.49 -4.44 -6.86
CA SER D 4 15.14 -3.17 -6.56
C SER D 4 16.10 -2.73 -7.68
N TYR D 5 16.48 -3.64 -8.55
CA TYR D 5 17.33 -3.29 -9.68
C TYR D 5 16.63 -2.35 -10.66
N LEU D 6 15.31 -2.38 -10.67
CA LEU D 6 14.53 -1.53 -11.55
C LEU D 6 14.74 -0.06 -11.20
N LEU D 7 15.03 0.22 -9.93
CA LEU D 7 15.22 1.58 -9.46
C LEU D 7 16.57 2.17 -9.83
N LYS D 8 17.51 1.33 -10.21
CA LYS D 8 18.85 1.80 -10.57
C LYS D 8 18.96 2.10 -12.06
N ILE D 9 17.98 1.66 -12.85
CA ILE D 9 17.91 2.03 -14.26
C ILE D 9 17.88 3.56 -14.36
N LYS D 10 18.59 4.10 -15.33
CA LYS D 10 18.74 5.55 -15.42
C LYS D 10 17.46 6.26 -15.88
N GLU D 11 16.94 5.85 -17.02
CA GLU D 11 15.83 6.57 -17.64
C GLU D 11 14.46 5.99 -17.30
N LEU D 12 13.48 6.88 -17.12
CA LEU D 12 12.12 6.49 -16.78
C LEU D 12 11.49 5.57 -17.82
N LYS D 13 11.65 5.92 -19.09
CA LYS D 13 11.08 5.14 -20.19
C LYS D 13 11.55 3.68 -20.19
N GLU D 14 12.86 3.49 -20.17
CA GLU D 14 13.43 2.14 -20.19
C GLU D 14 13.11 1.40 -18.89
N ALA D 15 13.06 2.13 -17.78
CA ALA D 15 12.67 1.55 -16.49
C ALA D 15 11.22 1.05 -16.48
N LYS D 16 10.32 1.78 -17.14
CA LYS D 16 8.93 1.37 -17.26
C LYS D 16 8.80 0.14 -18.16
N LYS D 17 9.56 0.12 -19.25
CA LYS D 17 9.57 -1.06 -20.11
C LYS D 17 10.02 -2.31 -19.37
N GLU D 18 11.11 -2.21 -18.60
CA GLU D 18 11.62 -3.33 -17.82
C GLU D 18 10.64 -3.79 -16.73
N PHE D 19 9.96 -2.86 -16.07
CA PHE D 19 8.92 -3.25 -15.12
C PHE D 19 7.75 -3.95 -15.81
N GLU D 20 7.31 -3.39 -16.94
CA GLU D 20 6.23 -3.98 -17.73
C GLU D 20 6.55 -5.43 -18.12
N LYS D 21 7.77 -5.65 -18.59
CA LYS D 21 8.22 -6.98 -18.97
C LYS D 21 8.10 -7.99 -17.82
N ILE D 22 8.62 -7.62 -16.66
CA ILE D 22 8.64 -8.51 -15.51
C ILE D 22 7.23 -8.73 -14.94
N PHE D 23 6.40 -7.69 -15.00
CA PHE D 23 5.01 -7.80 -14.54
C PHE D 23 4.23 -8.74 -15.46
N ILE D 24 4.36 -8.54 -16.77
CA ILE D 24 3.63 -9.40 -17.69
C ILE D 24 4.10 -10.85 -17.63
N GLU D 25 5.41 -11.04 -17.49
CA GLU D 25 5.99 -12.37 -17.35
C GLU D 25 5.44 -13.10 -16.11
N GLU D 26 5.27 -12.36 -15.02
CA GLU D 26 4.76 -12.95 -13.79
C GLU D 26 3.28 -13.34 -13.89
N LYS D 27 2.47 -12.49 -14.51
CA LYS D 27 1.06 -12.79 -14.71
C LYS D 27 0.86 -13.97 -15.66
N LEU D 28 1.67 -14.01 -16.73
CA LEU D 28 1.61 -15.12 -17.68
C LEU D 28 1.84 -16.45 -16.98
N ARG D 29 2.82 -16.50 -16.08
CA ARG D 29 3.07 -17.70 -15.29
C ARG D 29 1.83 -18.15 -14.52
N GLU D 30 1.26 -17.24 -13.73
CA GLU D 30 0.14 -17.61 -12.85
C GLU D 30 -1.16 -17.89 -13.61
N TYR D 31 -1.26 -17.40 -14.84
CA TYR D 31 -2.41 -17.72 -15.68
C TYR D 31 -2.07 -18.77 -16.75
N ASP D 32 -0.97 -19.49 -16.53
CA ASP D 32 -0.58 -20.60 -17.39
C ASP D 32 -0.39 -20.25 -18.86
N TYR D 33 0.19 -19.08 -19.13
CA TYR D 33 0.48 -18.65 -20.50
C TYR D 33 -0.75 -18.62 -21.38
N ASP D 34 -1.92 -18.54 -20.74
CA ASP D 34 -3.17 -18.32 -21.46
C ASP D 34 -3.27 -16.82 -21.75
N LEU D 35 -2.96 -16.43 -22.98
CA LEU D 35 -2.89 -15.01 -23.33
C LEU D 35 -4.23 -14.29 -23.23
N LYS D 36 -5.30 -14.97 -23.59
CA LYS D 36 -6.62 -14.39 -23.51
C LYS D 36 -7.00 -14.12 -22.06
N ARG D 37 -6.72 -15.09 -21.20
CA ARG D 37 -7.01 -14.94 -19.78
C ARG D 37 -6.13 -13.86 -19.15
N THR D 38 -4.85 -13.84 -19.53
CA THR D 38 -3.93 -12.85 -18.98
C THR D 38 -4.35 -11.44 -19.35
N ALA D 39 -4.74 -11.24 -20.61
CA ALA D 39 -5.22 -9.94 -21.06
C ALA D 39 -6.37 -9.45 -20.20
N GLU D 40 -7.35 -10.32 -19.99
CA GLU D 40 -8.55 -9.98 -19.24
C GLU D 40 -8.25 -9.66 -17.77
N GLU D 41 -7.41 -10.47 -17.13
CA GLU D 41 -7.08 -10.26 -15.73
C GLU D 41 -6.36 -8.94 -15.48
N ILE D 42 -5.45 -8.57 -16.38
CA ILE D 42 -4.65 -7.36 -16.15
C ILE D 42 -5.26 -6.12 -16.82
N GLY D 43 -6.46 -6.28 -17.37
CA GLY D 43 -7.22 -5.16 -17.90
C GLY D 43 -6.77 -4.53 -19.21
N ILE D 44 -6.22 -5.32 -20.13
CA ILE D 44 -5.88 -4.79 -21.45
C ILE D 44 -6.36 -5.69 -22.59
N ASP D 45 -6.47 -5.12 -23.78
CA ASP D 45 -6.89 -5.88 -24.95
C ASP D 45 -5.81 -6.88 -25.38
N LEU D 46 -6.25 -8.04 -25.85
CA LEU D 46 -5.34 -9.11 -26.26
C LEU D 46 -4.32 -8.64 -27.29
N SER D 47 -4.80 -7.94 -28.31
CA SER D 47 -3.91 -7.41 -29.34
C SER D 47 -2.87 -6.48 -28.76
N ASN D 48 -3.25 -5.74 -27.71
CA ASN D 48 -2.30 -4.88 -27.00
C ASN D 48 -1.28 -5.72 -26.23
N LEU D 49 -1.76 -6.75 -25.55
CA LEU D 49 -0.89 -7.64 -24.78
C LEU D 49 0.13 -8.34 -25.68
N TYR D 50 -0.32 -8.83 -26.84
CA TYR D 50 0.58 -9.54 -27.73
C TYR D 50 1.67 -8.63 -28.31
N ARG D 51 1.28 -7.41 -28.64
CA ARG D 51 2.25 -6.44 -29.14
C ARG D 51 3.37 -6.18 -28.10
N LYS D 52 2.99 -6.16 -26.83
CA LYS D 52 3.96 -5.94 -25.75
C LYS D 52 4.85 -7.16 -25.57
N ILE D 53 4.24 -8.34 -25.60
CA ILE D 53 4.99 -9.59 -25.52
C ILE D 53 6.11 -9.62 -26.55
N LYS D 54 5.81 -9.21 -27.78
CA LYS D 54 6.82 -9.17 -28.84
C LYS D 54 7.84 -8.04 -28.69
N SER D 55 7.35 -6.82 -28.45
CA SER D 55 8.23 -5.67 -28.27
C SER D 55 9.21 -5.87 -27.12
N LEU D 56 8.76 -6.55 -26.08
CA LEU D 56 9.57 -6.76 -24.88
C LEU D 56 10.29 -8.09 -24.90
N ASN D 57 10.09 -8.86 -25.97
CA ASN D 57 10.74 -10.14 -26.13
C ASN D 57 10.41 -11.14 -25.02
N ILE D 58 9.15 -11.17 -24.64
CA ILE D 58 8.71 -12.05 -23.56
C ILE D 58 8.56 -13.49 -24.06
N ARG D 59 9.01 -14.44 -23.24
CA ARG D 59 8.88 -15.86 -23.56
C ARG D 59 7.48 -16.36 -23.23
N VAL D 60 6.91 -17.17 -24.12
CA VAL D 60 5.57 -17.68 -23.92
C VAL D 60 5.50 -19.19 -24.17
N LYS D 61 5.55 -19.97 -23.09
CA LYS D 61 5.40 -21.43 -23.19
C LYS D 61 4.09 -21.80 -23.88
N SER D 62 4.09 -22.96 -24.53
CA SER D 62 2.89 -23.47 -25.17
C SER D 62 2.15 -24.46 -24.27
N SER D 63 0.83 -24.32 -24.21
CA SER D 63 0.01 -25.19 -23.37
C SER D 63 0.19 -26.65 -23.77
#